data_8XN8
#
_entry.id   8XN8
#
_cell.length_a   51.204
_cell.length_b   87.468
_cell.length_c   105.802
_cell.angle_alpha   90.000
_cell.angle_beta   90.000
_cell.angle_gamma   90.000
#
_symmetry.space_group_name_H-M   'P 21 21 21'
#
loop_
_entity.id
_entity.type
_entity.pdbx_description
1 polymer 'Proto-oncogene tyrosine-protein kinase Src'
2 non-polymer "ADENOSINE-5'-DIPHOSPHATE"
3 non-polymer 'MAGNESIUM ION'
4 non-polymer GLYCEROL
5 non-polymer 1,2-ETHANEDIOL
6 water water
#
_entity_poly.entity_id   1
_entity_poly.type   'polypeptide(L)'
_entity_poly.pdbx_seq_one_letter_code
;VTTFVALYDYESRTETDLSFKKGERLQIVNNTEGDWWLAHSLSTGQTGYIPSNYVAPSDSIQAEEWYFGKITRRESERLL
LNAENPRGTFLVRESETTKGAYCLSVSDFDNAKGLNVKHYKIRKLDSGGFYITSRTQFNSLQQLVAYYSKHADGLCHRLT
TVCPTSKPQTQGLAKDAWEIPRESLRLEVKLGQGCFGEVWMGTWNGTTRVAIKTLKPGTMSPEAFLQEAQVMKKLRHEKL
VQLYAVVSEEPIYIVTEYMNKGSLLDFLKGETGKYLRLPQLVDMSAQIASGMAYVERMNYVHRDLRAANILVGENLVCKV
ADFGLARLIEDNEYTARQGAKFPIKWTAPEAALYGRFTIKSDVWSFGILLTELTTKGRVPYPGMVNREVLDQVERGYRMP
CPPECPESLHDLMCQCWRKEPEERPTFEYLQAFLEDYFTSTEPQ(PTR)QPGENL
;
_entity_poly.pdbx_strand_id   A
#
loop_
_chem_comp.id
_chem_comp.type
_chem_comp.name
_chem_comp.formula
ADP non-polymer ADENOSINE-5'-DIPHOSPHATE 'C10 H15 N5 O10 P2'
EDO non-polymer 1,2-ETHANEDIOL 'C2 H6 O2'
GOL non-polymer GLYCEROL 'C3 H8 O3'
MG non-polymer 'MAGNESIUM ION' 'Mg 2'
#
# COMPACT_ATOMS: atom_id res chain seq x y z
N VAL A 1 13.72 29.53 -14.71
CA VAL A 1 13.79 28.98 -13.32
C VAL A 1 12.37 28.74 -12.81
N THR A 2 12.09 27.51 -12.36
CA THR A 2 10.76 27.06 -11.87
C THR A 2 10.57 27.45 -10.41
N THR A 3 9.46 28.11 -10.08
CA THR A 3 9.01 28.34 -8.70
C THR A 3 8.09 27.18 -8.31
N PHE A 4 8.45 26.46 -7.24
CA PHE A 4 7.61 25.41 -6.64
C PHE A 4 6.80 25.99 -5.49
N VAL A 5 5.67 25.36 -5.22
CA VAL A 5 4.82 25.70 -4.05
C VAL A 5 4.70 24.43 -3.19
N ALA A 6 4.79 24.59 -1.87
CA ALA A 6 4.61 23.50 -0.88
C ALA A 6 3.15 23.06 -0.86
N LEU A 7 2.92 21.76 -1.05
CA LEU A 7 1.58 21.12 -0.99
C LEU A 7 1.17 20.87 0.47
N TYR A 8 2.13 20.74 1.39
CA TYR A 8 1.87 20.45 2.83
C TYR A 8 2.91 21.17 3.69
N ASP A 9 2.60 21.35 4.98
CA ASP A 9 3.58 21.77 6.01
C ASP A 9 4.65 20.68 6.13
N TYR A 10 5.91 21.07 6.25
CA TYR A 10 7.05 20.16 6.54
C TYR A 10 7.88 20.77 7.66
N GLU A 11 8.07 19.99 8.73
CA GLU A 11 8.83 20.36 9.95
C GLU A 11 10.25 19.78 9.82
N SER A 12 11.26 20.62 10.00
CA SER A 12 12.70 20.27 9.89
C SER A 12 13.03 19.13 10.86
N ARG A 13 13.75 18.11 10.38
CA ARG A 13 14.15 16.93 11.16
C ARG A 13 15.67 16.94 11.43
N THR A 14 16.44 17.71 10.66
CA THR A 14 17.94 17.69 10.67
C THR A 14 18.46 19.13 10.65
N GLU A 15 19.78 19.27 10.60
CA GLU A 15 20.47 20.58 10.53
C GLU A 15 20.49 21.09 9.10
N THR A 16 20.32 20.20 8.11
CA THR A 16 20.51 20.51 6.68
C THR A 16 19.18 20.51 5.91
N ASP A 17 18.03 20.14 6.51
CA ASP A 17 16.75 20.22 5.76
C ASP A 17 16.13 21.60 6.01
N LEU A 18 15.06 21.92 5.28
CA LEU A 18 14.37 23.22 5.26
C LEU A 18 12.90 23.02 5.68
N SER A 19 12.48 23.63 6.80
CA SER A 19 11.05 23.73 7.20
C SER A 19 10.31 24.63 6.22
N PHE A 20 9.05 24.35 5.97
CA PHE A 20 8.18 25.23 5.16
C PHE A 20 6.73 24.93 5.50
N LYS A 21 5.88 25.90 5.18
CA LYS A 21 4.41 25.86 5.38
C LYS A 21 3.78 25.60 4.01
N LYS A 22 2.60 24.97 4.00
CA LYS A 22 1.78 24.82 2.77
C LYS A 22 1.63 26.21 2.12
N GLY A 23 1.80 26.29 0.81
CA GLY A 23 1.64 27.55 0.03
C GLY A 23 2.95 28.31 -0.11
N GLU A 24 3.97 27.97 0.69
CA GLU A 24 5.30 28.62 0.61
C GLU A 24 5.92 28.40 -0.78
N ARG A 25 6.56 29.42 -1.33
CA ARG A 25 7.21 29.37 -2.67
C ARG A 25 8.69 29.04 -2.47
N LEU A 26 9.21 28.13 -3.29
CA LEU A 26 10.56 27.54 -3.19
C LEU A 26 11.21 27.46 -4.57
N GLN A 27 12.53 27.61 -4.62
CA GLN A 27 13.35 27.28 -5.82
C GLN A 27 14.43 26.29 -5.43
N ILE A 28 14.85 25.45 -6.38
CA ILE A 28 15.73 24.28 -6.11
C ILE A 28 16.99 24.39 -6.97
N VAL A 29 18.04 23.68 -6.56
CA VAL A 29 19.38 23.63 -7.21
C VAL A 29 19.28 22.78 -8.50
N ASN A 30 18.63 21.62 -8.41
CA ASN A 30 18.48 20.65 -9.54
C ASN A 30 17.11 19.96 -9.46
N ASN A 31 16.35 19.97 -10.56
CA ASN A 31 15.17 19.11 -10.76
C ASN A 31 15.65 17.70 -11.10
N THR A 32 16.15 16.99 -10.08
CA THR A 32 16.55 15.55 -10.15
C THR A 32 15.27 14.72 -10.01
N GLU A 33 15.31 13.43 -10.33
CA GLU A 33 14.19 12.50 -10.02
C GLU A 33 14.43 11.87 -8.64
N GLY A 34 15.25 12.53 -7.80
CA GLY A 34 15.57 12.10 -6.42
C GLY A 34 14.42 12.39 -5.48
N ASP A 35 14.54 11.94 -4.23
CA ASP A 35 13.47 12.02 -3.19
C ASP A 35 13.60 13.33 -2.40
N TRP A 36 14.80 13.93 -2.41
CA TRP A 36 15.13 15.14 -1.64
C TRP A 36 15.78 16.16 -2.59
N TRP A 37 15.33 17.40 -2.54
CA TRP A 37 15.82 18.50 -3.41
C TRP A 37 16.47 19.57 -2.53
N LEU A 38 17.56 20.17 -3.00
CA LEU A 38 18.21 21.30 -2.29
C LEU A 38 17.48 22.56 -2.72
N ALA A 39 16.87 23.26 -1.78
CA ALA A 39 15.90 24.34 -2.04
C ALA A 39 16.26 25.56 -1.21
N HIS A 40 15.73 26.72 -1.58
CA HIS A 40 15.65 27.89 -0.68
C HIS A 40 14.24 28.45 -0.77
N SER A 41 13.78 29.04 0.32
CA SER A 41 12.44 29.68 0.44
C SER A 41 12.52 31.09 -0.11
N LEU A 42 11.60 31.44 -1.01
CA LEU A 42 11.42 32.82 -1.50
C LEU A 42 10.77 33.66 -0.39
N SER A 43 10.14 33.02 0.61
CA SER A 43 9.55 33.68 1.81
C SER A 43 10.64 34.00 2.85
N THR A 44 11.36 33.00 3.35
CA THR A 44 12.28 33.12 4.51
C THR A 44 13.72 33.35 4.05
N GLY A 45 14.06 32.99 2.80
CA GLY A 45 15.45 33.00 2.31
C GLY A 45 16.29 31.86 2.87
N GLN A 46 15.73 31.01 3.74
CA GLN A 46 16.43 29.86 4.35
C GLN A 46 16.69 28.82 3.26
N THR A 47 17.71 27.99 3.47
CA THR A 47 18.23 26.98 2.52
C THR A 47 18.24 25.60 3.17
N GLY A 48 17.88 24.57 2.42
CA GLY A 48 17.90 23.19 2.94
C GLY A 48 17.25 22.21 2.01
N TYR A 49 17.44 20.93 2.31
CA TYR A 49 16.80 19.79 1.64
C TYR A 49 15.32 19.77 1.97
N ILE A 50 14.50 19.48 0.96
CA ILE A 50 13.02 19.31 1.08
C ILE A 50 12.65 17.98 0.45
N PRO A 51 11.58 17.30 0.95
CA PRO A 51 11.08 16.11 0.29
C PRO A 51 10.42 16.53 -1.03
N SER A 52 10.81 15.91 -2.15
CA SER A 52 10.39 16.31 -3.51
C SER A 52 8.89 16.09 -3.71
N ASN A 53 8.29 15.15 -2.96
CA ASN A 53 6.84 14.84 -3.06
C ASN A 53 6.01 15.86 -2.27
N TYR A 54 6.62 16.82 -1.57
CA TYR A 54 5.88 17.86 -0.82
C TYR A 54 5.66 19.13 -1.65
N VAL A 55 6.15 19.18 -2.89
CA VAL A 55 6.05 20.41 -3.74
C VAL A 55 5.55 20.02 -5.14
N ALA A 56 5.12 21.05 -5.89
CA ALA A 56 4.70 21.01 -7.30
C ALA A 56 5.00 22.37 -7.92
N PRO A 57 5.22 22.45 -9.25
CA PRO A 57 5.42 23.76 -9.88
C PRO A 57 4.21 24.67 -9.58
N SER A 58 4.45 25.94 -9.28
CA SER A 58 3.37 26.93 -9.02
C SER A 58 2.45 26.94 -10.25
N ASP A 59 1.15 27.06 -10.05
CA ASP A 59 0.15 27.16 -11.15
C ASP A 59 0.16 25.89 -12.03
N SER A 60 0.72 24.78 -11.55
CA SER A 60 0.56 23.43 -12.16
C SER A 60 -0.79 22.85 -11.70
N ILE A 61 -1.34 21.92 -12.48
CA ILE A 61 -2.50 21.10 -12.04
C ILE A 61 -2.13 20.37 -10.75
N GLN A 62 -0.89 19.88 -10.63
CA GLN A 62 -0.43 19.08 -9.45
C GLN A 62 -0.47 19.94 -8.20
N ALA A 63 -0.46 21.28 -8.33
CA ALA A 63 -0.52 22.22 -7.18
C ALA A 63 -1.94 22.29 -6.61
N GLU A 64 -2.96 21.82 -7.34
CA GLU A 64 -4.37 21.92 -6.90
C GLU A 64 -4.66 20.82 -5.86
N GLU A 65 -5.36 21.17 -4.78
CA GLU A 65 -5.68 20.28 -3.63
C GLU A 65 -6.53 19.10 -4.11
N TRP A 66 -7.37 19.32 -5.12
CA TRP A 66 -8.36 18.34 -5.61
C TRP A 66 -7.77 17.47 -6.73
N TYR A 67 -6.51 17.71 -7.13
CA TYR A 67 -5.85 16.92 -8.18
C TYR A 67 -5.02 15.79 -7.55
N PHE A 68 -5.35 14.55 -7.87
CA PHE A 68 -4.74 13.35 -7.22
C PHE A 68 -3.92 12.54 -8.23
N GLY A 69 -3.62 13.10 -9.41
CA GLY A 69 -2.69 12.50 -10.40
C GLY A 69 -3.07 11.08 -10.80
N LYS A 70 -2.16 10.13 -10.61
CA LYS A 70 -2.22 8.78 -11.23
C LYS A 70 -2.94 7.78 -10.31
N ILE A 71 -3.80 8.24 -9.41
CA ILE A 71 -4.60 7.36 -8.51
C ILE A 71 -5.58 6.54 -9.36
N THR A 72 -5.74 5.25 -9.05
CA THR A 72 -6.66 4.34 -9.77
C THR A 72 -8.10 4.65 -9.36
N ARG A 73 -9.09 4.19 -10.14
CA ARG A 73 -10.53 4.28 -9.80
C ARG A 73 -10.77 3.67 -8.41
N ARG A 74 -10.20 2.50 -8.14
CA ARG A 74 -10.39 1.75 -6.86
C ARG A 74 -9.87 2.60 -5.69
N GLU A 75 -8.64 3.10 -5.79
CA GLU A 75 -8.01 3.88 -4.69
C GLU A 75 -8.73 5.21 -4.51
N SER A 76 -9.22 5.81 -5.59
CA SER A 76 -10.04 7.06 -5.51
C SER A 76 -11.33 6.76 -4.72
N GLU A 77 -11.98 5.64 -5.00
CA GLU A 77 -13.22 5.20 -4.30
C GLU A 77 -12.90 4.97 -2.80
N ARG A 78 -11.78 4.32 -2.50
CA ARG A 78 -11.36 4.11 -1.08
C ARG A 78 -11.39 5.46 -0.37
N LEU A 79 -10.75 6.49 -0.95
CA LEU A 79 -10.64 7.82 -0.30
C LEU A 79 -12.02 8.49 -0.25
N LEU A 80 -12.77 8.44 -1.36
CA LEU A 80 -14.03 9.20 -1.51
C LEU A 80 -15.11 8.59 -0.61
N LEU A 81 -15.09 7.28 -0.41
CA LEU A 81 -16.16 6.57 0.34
C LEU A 81 -15.93 6.68 1.84
N ASN A 82 -14.91 7.40 2.32
CA ASN A 82 -14.74 7.62 3.78
C ASN A 82 -16.03 8.25 4.33
N ALA A 83 -16.53 7.75 5.46
CA ALA A 83 -17.88 8.10 5.98
C ALA A 83 -17.90 9.53 6.51
N GLU A 84 -16.74 10.17 6.67
CA GLU A 84 -16.63 11.56 7.16
C GLU A 84 -16.85 12.55 6.01
N ASN A 85 -16.80 12.10 4.75
CA ASN A 85 -16.92 12.98 3.56
C ASN A 85 -18.38 13.33 3.27
N PRO A 86 -18.71 14.63 3.12
CA PRO A 86 -20.04 15.05 2.67
C PRO A 86 -20.33 14.56 1.26
N ARG A 87 -21.62 14.50 0.92
CA ARG A 87 -22.08 14.33 -0.48
C ARG A 87 -21.42 15.42 -1.33
N GLY A 88 -20.97 15.07 -2.53
CA GLY A 88 -20.28 16.01 -3.45
C GLY A 88 -18.80 16.16 -3.16
N THR A 89 -18.23 15.35 -2.25
CA THR A 89 -16.75 15.27 -2.08
C THR A 89 -16.15 14.78 -3.41
N PHE A 90 -15.08 15.39 -3.89
CA PHE A 90 -14.59 15.10 -5.27
C PHE A 90 -13.07 15.13 -5.32
N LEU A 91 -12.55 14.51 -6.37
CA LEU A 91 -11.16 14.66 -6.82
C LEU A 91 -11.11 14.55 -8.34
N VAL A 92 -10.02 15.04 -8.91
CA VAL A 92 -9.69 14.87 -10.35
C VAL A 92 -8.43 14.00 -10.42
N ARG A 93 -8.39 13.09 -11.39
CA ARG A 93 -7.26 12.17 -11.60
C ARG A 93 -7.08 11.93 -13.10
N GLU A 94 -5.93 11.40 -13.49
CA GLU A 94 -5.71 10.83 -14.85
C GLU A 94 -6.65 9.64 -15.02
N SER A 95 -7.28 9.52 -16.20
CA SER A 95 -7.97 8.27 -16.60
C SER A 95 -6.93 7.15 -16.70
N GLU A 96 -7.30 5.92 -16.35
CA GLU A 96 -6.46 4.71 -16.58
C GLU A 96 -6.98 3.98 -17.83
N THR A 97 -8.19 4.34 -18.31
CA THR A 97 -8.80 3.82 -19.56
C THR A 97 -8.23 4.52 -20.80
N THR A 98 -8.12 5.86 -20.77
CA THR A 98 -7.79 6.72 -21.94
C THR A 98 -6.54 7.55 -21.63
N LYS A 99 -5.48 7.42 -22.42
CA LYS A 99 -4.22 8.18 -22.24
C LYS A 99 -4.52 9.67 -22.44
N GLY A 100 -3.89 10.53 -21.64
CA GLY A 100 -3.94 12.00 -21.78
C GLY A 100 -5.26 12.61 -21.32
N ALA A 101 -6.29 11.78 -21.05
CA ALA A 101 -7.61 12.20 -20.52
C ALA A 101 -7.58 12.16 -18.99
N TYR A 102 -8.63 12.69 -18.37
CA TYR A 102 -8.77 12.85 -16.90
C TYR A 102 -10.11 12.27 -16.46
N CYS A 103 -10.36 12.31 -15.15
CA CYS A 103 -11.62 11.81 -14.55
CA CYS A 103 -11.64 11.82 -14.56
C CYS A 103 -12.00 12.67 -13.34
N LEU A 104 -13.27 13.05 -13.25
CA LEU A 104 -13.87 13.69 -12.05
C LEU A 104 -14.58 12.56 -11.29
N SER A 105 -14.15 12.29 -10.07
CA SER A 105 -14.72 11.23 -9.19
C SER A 105 -15.42 11.93 -8.02
N VAL A 106 -16.73 11.72 -7.87
CA VAL A 106 -17.60 12.48 -6.93
C VAL A 106 -18.36 11.51 -6.04
N SER A 107 -18.40 11.76 -4.74
CA SER A 107 -19.19 10.95 -3.78
C SER A 107 -20.65 11.37 -3.92
N ASP A 108 -21.55 10.40 -3.94
CA ASP A 108 -23.01 10.61 -4.12
C ASP A 108 -23.75 9.73 -3.12
N PHE A 109 -25.05 10.01 -2.97
CA PHE A 109 -26.01 9.16 -2.25
C PHE A 109 -27.30 9.10 -3.06
N ASP A 110 -27.86 7.91 -3.23
CA ASP A 110 -29.27 7.68 -3.63
C ASP A 110 -29.76 6.42 -2.90
N ASN A 111 -31.08 6.27 -2.72
CA ASN A 111 -31.66 5.10 -2.00
C ASN A 111 -31.38 3.84 -2.84
N ALA A 112 -31.25 4.00 -4.17
CA ALA A 112 -30.97 2.93 -5.14
C ALA A 112 -29.66 2.20 -4.74
N LYS A 113 -28.60 2.94 -4.40
CA LYS A 113 -27.24 2.36 -4.13
C LYS A 113 -26.68 2.79 -2.77
N GLY A 114 -27.32 3.72 -2.05
CA GLY A 114 -26.72 4.35 -0.86
C GLY A 114 -25.44 5.11 -1.23
N LEU A 115 -24.43 5.09 -0.36
CA LEU A 115 -23.13 5.77 -0.58
C LEU A 115 -22.45 5.16 -1.82
N ASN A 116 -22.13 5.98 -2.83
CA ASN A 116 -21.51 5.46 -4.08
C ASN A 116 -20.65 6.57 -4.71
N VAL A 117 -19.75 6.21 -5.63
CA VAL A 117 -18.88 7.19 -6.32
C VAL A 117 -19.26 7.22 -7.80
N LYS A 118 -19.51 8.41 -8.32
CA LYS A 118 -19.79 8.66 -9.77
C LYS A 118 -18.47 9.10 -10.42
N HIS A 119 -18.13 8.52 -11.57
CA HIS A 119 -16.90 8.83 -12.34
C HIS A 119 -17.29 9.44 -13.69
N TYR A 120 -16.78 10.64 -13.99
CA TYR A 120 -17.05 11.36 -15.25
C TYR A 120 -15.72 11.51 -16.00
N LYS A 121 -15.64 11.06 -17.25
CA LYS A 121 -14.41 11.29 -18.02
C LYS A 121 -14.37 12.77 -18.36
N ILE A 122 -13.20 13.37 -18.20
CA ILE A 122 -12.91 14.72 -18.73
C ILE A 122 -12.09 14.49 -20.00
N ARG A 123 -12.72 14.65 -21.16
CA ARG A 123 -11.98 14.60 -22.44
C ARG A 123 -11.13 15.87 -22.51
N LYS A 124 -9.86 15.72 -22.91
CA LYS A 124 -9.03 16.83 -23.41
C LYS A 124 -9.06 16.76 -24.94
N LEU A 125 -9.48 17.84 -25.59
CA LEU A 125 -9.44 17.97 -27.07
C LEU A 125 -7.98 18.15 -27.50
N ASP A 126 -7.63 17.65 -28.69
CA ASP A 126 -6.30 17.90 -29.31
C ASP A 126 -6.14 19.42 -29.46
N SER A 127 -7.25 20.16 -29.60
CA SER A 127 -7.29 21.65 -29.69
C SER A 127 -7.04 22.31 -28.33
N GLY A 128 -7.10 21.56 -27.21
CA GLY A 128 -6.61 21.99 -25.88
C GLY A 128 -7.69 22.12 -24.81
N GLY A 129 -8.97 22.21 -25.20
CA GLY A 129 -10.09 22.44 -24.27
C GLY A 129 -10.53 21.17 -23.55
N PHE A 130 -11.06 21.32 -22.35
CA PHE A 130 -11.53 20.20 -21.48
C PHE A 130 -13.06 20.21 -21.41
N TYR A 131 -13.67 19.03 -21.37
CA TYR A 131 -15.14 18.92 -21.20
C TYR A 131 -15.51 17.51 -20.71
N ILE A 132 -16.61 17.45 -19.96
CA ILE A 132 -17.36 16.20 -19.63
C ILE A 132 -18.47 16.04 -20.68
N THR A 133 -19.18 17.13 -20.98
CA THR A 133 -20.17 17.24 -22.08
C THR A 133 -19.66 18.29 -23.07
N SER A 134 -19.64 17.94 -24.37
CA SER A 134 -19.09 18.76 -25.48
C SER A 134 -19.73 20.16 -25.50
N ARG A 135 -20.89 20.32 -24.88
CA ARG A 135 -21.67 21.59 -24.87
C ARG A 135 -21.14 22.56 -23.81
N THR A 136 -20.32 22.12 -22.85
CA THR A 136 -19.77 22.97 -21.75
C THR A 136 -18.26 22.73 -21.63
N GLN A 137 -17.47 23.58 -22.31
CA GLN A 137 -16.01 23.38 -22.48
C GLN A 137 -15.26 24.44 -21.69
N PHE A 138 -14.03 24.12 -21.29
CA PHE A 138 -13.20 24.94 -20.39
C PHE A 138 -11.76 24.96 -20.89
N ASN A 139 -11.07 26.07 -20.70
CA ASN A 139 -9.66 26.22 -21.09
C ASN A 139 -8.75 25.47 -20.12
N SER A 140 -9.24 25.05 -18.96
CA SER A 140 -8.41 24.37 -17.93
C SER A 140 -9.27 23.52 -16.99
N LEU A 141 -8.64 22.58 -16.31
CA LEU A 141 -9.30 21.76 -15.27
C LEU A 141 -9.73 22.68 -14.12
N GLN A 142 -8.96 23.73 -13.86
CA GLN A 142 -9.24 24.67 -12.73
C GLN A 142 -10.61 25.31 -12.99
N GLN A 143 -10.86 25.73 -14.23
CA GLN A 143 -12.12 26.42 -14.60
C GLN A 143 -13.27 25.40 -14.58
N LEU A 144 -13.01 24.16 -15.01
CA LEU A 144 -14.02 23.09 -14.99
C LEU A 144 -14.48 22.86 -13.54
N VAL A 145 -13.54 22.73 -12.62
CA VAL A 145 -13.84 22.51 -11.17
C VAL A 145 -14.56 23.73 -10.58
N ALA A 146 -14.06 24.94 -10.85
CA ALA A 146 -14.69 26.22 -10.41
C ALA A 146 -16.15 26.26 -10.84
N TYR A 147 -16.44 25.84 -12.08
CA TYR A 147 -17.78 25.87 -12.67
C TYR A 147 -18.71 24.88 -11.96
N TYR A 148 -18.33 23.60 -11.92
CA TYR A 148 -19.18 22.52 -11.36
C TYR A 148 -19.20 22.61 -9.83
N SER A 149 -18.35 23.46 -9.24
CA SER A 149 -18.39 23.81 -7.80
C SER A 149 -19.58 24.75 -7.52
N LYS A 150 -20.14 25.40 -8.56
CA LYS A 150 -21.32 26.31 -8.44
C LYS A 150 -22.58 25.59 -8.93
N HIS A 151 -22.55 24.97 -10.12
CA HIS A 151 -23.73 24.29 -10.74
C HIS A 151 -23.41 22.83 -11.05
N ALA A 152 -24.30 21.92 -10.64
CA ALA A 152 -24.23 20.48 -10.99
C ALA A 152 -24.31 20.33 -12.51
N ASP A 153 -25.27 21.01 -13.14
CA ASP A 153 -25.41 21.12 -14.62
C ASP A 153 -25.20 19.75 -15.25
N GLY A 154 -25.90 18.71 -14.77
CA GLY A 154 -25.84 17.34 -15.32
C GLY A 154 -25.13 16.36 -14.39
N LEU A 155 -24.15 16.83 -13.60
CA LEU A 155 -23.43 15.99 -12.61
C LEU A 155 -24.44 15.50 -11.57
N CYS A 156 -24.17 14.32 -10.98
CA CYS A 156 -24.93 13.75 -9.85
C CYS A 156 -25.19 14.82 -8.79
N HIS A 157 -24.26 15.76 -8.63
CA HIS A 157 -24.25 16.74 -7.51
C HIS A 157 -23.18 17.80 -7.72
N ARG A 158 -23.36 18.96 -7.09
CA ARG A 158 -22.36 20.07 -7.07
C ARG A 158 -21.09 19.60 -6.35
N LEU A 159 -19.93 20.14 -6.75
CA LEU A 159 -18.62 19.83 -6.12
C LEU A 159 -18.48 20.65 -4.83
N THR A 160 -18.65 20.02 -3.67
CA THR A 160 -18.77 20.71 -2.36
C THR A 160 -17.43 20.73 -1.63
N THR A 161 -16.76 19.59 -1.60
CA THR A 161 -15.62 19.31 -0.68
C THR A 161 -14.48 18.68 -1.46
N VAL A 162 -13.29 19.25 -1.35
CA VAL A 162 -12.04 18.64 -1.88
C VAL A 162 -11.78 17.37 -1.06
N CYS A 163 -11.67 16.21 -1.71
CA CYS A 163 -11.34 14.95 -1.02
C CYS A 163 -10.14 15.22 -0.11
N PRO A 164 -10.24 14.95 1.22
CA PRO A 164 -9.11 15.15 2.11
C PRO A 164 -7.95 14.21 1.75
N THR A 165 -6.73 14.77 1.75
CA THR A 165 -5.45 14.05 1.54
C THR A 165 -4.79 13.82 2.90
N SER A 166 -4.52 12.57 3.26
CA SER A 166 -3.58 12.23 4.35
C SER A 166 -2.19 12.76 3.95
N LYS A 167 -1.50 13.47 4.84
CA LYS A 167 -0.16 14.04 4.53
C LYS A 167 0.77 12.88 4.18
N PRO A 168 1.43 12.88 3.00
CA PRO A 168 2.18 11.71 2.56
C PRO A 168 3.48 11.56 3.34
N GLN A 169 3.97 10.32 3.43
CA GLN A 169 5.30 10.01 3.99
C GLN A 169 6.33 10.57 3.02
N THR A 170 7.47 11.03 3.54
CA THR A 170 8.67 11.29 2.71
C THR A 170 9.23 9.94 2.26
N GLN A 171 9.98 9.93 1.15
CA GLN A 171 10.79 8.76 0.72
C GLN A 171 12.16 8.88 1.39
N GLY A 172 12.40 8.05 2.41
CA GLY A 172 13.53 8.20 3.34
C GLY A 172 13.21 9.27 4.37
N LEU A 173 13.92 9.23 5.49
CA LEU A 173 13.73 10.14 6.64
C LEU A 173 14.38 11.51 6.36
N ALA A 174 15.42 11.50 5.53
CA ALA A 174 16.27 12.68 5.21
C ALA A 174 17.16 12.33 4.02
N LYS A 175 17.76 13.31 3.35
CA LYS A 175 18.69 13.02 2.22
C LYS A 175 19.81 12.11 2.73
N ASP A 176 20.01 10.96 2.08
CA ASP A 176 21.12 10.01 2.37
C ASP A 176 21.08 9.50 3.82
N ALA A 177 19.93 9.58 4.51
CA ALA A 177 19.75 8.87 5.80
C ALA A 177 19.45 7.40 5.50
N TRP A 178 20.27 6.48 5.99
CA TRP A 178 20.08 5.02 5.76
C TRP A 178 20.63 4.22 6.94
N GLU A 179 21.95 4.14 7.08
CA GLU A 179 22.59 3.58 8.29
C GLU A 179 22.61 4.70 9.31
N ILE A 180 21.75 4.62 10.33
CA ILE A 180 21.52 5.76 11.27
C ILE A 180 22.08 5.36 12.63
N PRO A 181 22.46 6.37 13.47
CA PRO A 181 22.87 6.11 14.84
C PRO A 181 21.68 5.62 15.67
N ARG A 182 21.92 4.64 16.55
CA ARG A 182 20.92 4.07 17.49
C ARG A 182 20.30 5.21 18.31
N GLU A 183 21.09 6.21 18.67
CA GLU A 183 20.66 7.27 19.61
C GLU A 183 19.70 8.23 18.86
N SER A 184 19.59 8.16 17.53
CA SER A 184 18.60 8.97 16.75
C SER A 184 17.19 8.41 16.97
N LEU A 185 17.07 7.19 17.52
CA LEU A 185 15.77 6.50 17.71
C LEU A 185 15.38 6.52 19.19
N ARG A 186 14.12 6.78 19.46
CA ARG A 186 13.48 6.61 20.78
C ARG A 186 12.35 5.59 20.61
N LEU A 187 12.39 4.51 21.39
CA LEU A 187 11.34 3.46 21.41
C LEU A 187 10.32 3.86 22.47
N GLU A 188 9.07 4.13 22.07
CA GLU A 188 8.04 4.70 22.96
C GLU A 188 7.04 3.64 23.41
N VAL A 189 6.40 2.95 22.46
CA VAL A 189 5.29 2.01 22.75
C VAL A 189 5.64 0.67 22.12
N LYS A 190 5.68 -0.41 22.91
CA LYS A 190 5.86 -1.77 22.35
C LYS A 190 4.57 -2.18 21.65
N LEU A 191 4.65 -2.53 20.37
CA LEU A 191 3.47 -2.87 19.55
C LEU A 191 3.25 -4.38 19.57
N GLY A 192 4.32 -5.16 19.74
CA GLY A 192 4.21 -6.62 19.74
C GLY A 192 5.56 -7.29 19.74
N GLN A 193 5.51 -8.61 19.74
CA GLN A 193 6.66 -9.55 19.90
C GLN A 193 6.51 -10.61 18.83
N GLY A 194 7.51 -10.76 17.97
CA GLY A 194 7.61 -11.90 17.04
C GLY A 194 8.51 -12.97 17.62
N CYS A 195 8.87 -13.97 16.81
CA CYS A 195 9.75 -15.08 17.23
C CYS A 195 11.18 -14.58 17.41
N PHE A 196 11.59 -13.53 16.70
CA PHE A 196 13.01 -13.12 16.54
C PHE A 196 13.26 -11.70 17.05
N GLY A 197 12.24 -11.05 17.58
CA GLY A 197 12.43 -9.71 18.17
C GLY A 197 11.11 -9.04 18.48
N GLU A 198 11.18 -7.75 18.79
CA GLU A 198 10.06 -6.92 19.25
C GLU A 198 9.85 -5.81 18.22
N VAL A 199 8.66 -5.23 18.20
CA VAL A 199 8.37 -4.05 17.37
C VAL A 199 7.80 -2.95 18.26
N TRP A 200 8.37 -1.76 18.10
CA TRP A 200 8.04 -0.54 18.88
C TRP A 200 7.57 0.55 17.94
N MET A 201 6.58 1.32 18.37
CA MET A 201 6.31 2.66 17.82
C MET A 201 7.28 3.61 18.53
N GLY A 202 7.83 4.55 17.78
CA GLY A 202 8.86 5.45 18.30
C GLY A 202 9.10 6.59 17.35
N THR A 203 10.20 7.30 17.55
CA THR A 203 10.50 8.57 16.84
C THR A 203 11.92 8.55 16.34
N TRP A 204 12.12 9.10 15.14
CA TRP A 204 13.46 9.40 14.59
C TRP A 204 13.69 10.90 14.75
N ASN A 205 14.87 11.25 15.28
CA ASN A 205 15.30 12.64 15.54
C ASN A 205 14.17 13.38 16.26
N GLY A 206 13.55 12.77 17.26
CA GLY A 206 12.59 13.43 18.17
C GLY A 206 11.15 13.41 17.67
N THR A 207 10.89 13.69 16.38
CA THR A 207 9.54 14.13 15.93
C THR A 207 8.93 13.27 14.80
N THR A 208 9.67 12.37 14.14
CA THR A 208 9.11 11.58 13.00
C THR A 208 8.68 10.22 13.53
N ARG A 209 7.38 9.94 13.51
CA ARG A 209 6.86 8.64 14.00
C ARG A 209 7.26 7.54 13.02
N VAL A 210 7.84 6.47 13.55
CA VAL A 210 8.32 5.29 12.78
C VAL A 210 8.02 4.03 13.59
N ALA A 211 8.01 2.87 12.95
CA ALA A 211 8.02 1.56 13.62
C ALA A 211 9.46 1.08 13.64
N ILE A 212 9.87 0.49 14.76
CA ILE A 212 11.26 0.03 14.99
C ILE A 212 11.19 -1.44 15.37
N LYS A 213 11.74 -2.31 14.52
CA LYS A 213 11.85 -3.76 14.83
C LYS A 213 13.25 -3.98 15.42
N THR A 214 13.32 -4.57 16.61
CA THR A 214 14.59 -4.84 17.34
C THR A 214 14.82 -6.35 17.31
N LEU A 215 15.88 -6.81 16.65
CA LEU A 215 16.25 -8.25 16.53
C LEU A 215 17.22 -8.62 17.65
N LYS A 216 16.94 -9.75 18.31
CA LYS A 216 17.84 -10.36 19.34
C LYS A 216 19.20 -10.56 18.70
N PRO A 217 20.31 -10.28 19.41
CA PRO A 217 21.64 -10.54 18.87
C PRO A 217 21.73 -12.01 18.47
N GLY A 218 22.41 -12.29 17.35
CA GLY A 218 22.61 -13.64 16.80
C GLY A 218 21.55 -14.03 15.77
N THR A 219 20.53 -13.19 15.57
CA THR A 219 19.39 -13.49 14.66
C THR A 219 19.91 -13.60 13.22
N MET A 220 20.71 -12.62 12.79
CA MET A 220 21.26 -12.56 11.41
C MET A 220 22.57 -11.77 11.40
N SER A 221 23.46 -12.17 10.50
CA SER A 221 24.71 -11.43 10.16
C SER A 221 24.36 -10.00 9.79
N PRO A 222 24.90 -9.00 10.52
CA PRO A 222 24.85 -7.61 10.08
C PRO A 222 25.35 -7.42 8.63
N GLU A 223 26.30 -8.24 8.19
CA GLU A 223 26.87 -8.17 6.81
C GLU A 223 25.75 -8.52 5.82
N ALA A 224 25.15 -9.70 5.96
CA ALA A 224 24.09 -10.22 5.07
C ALA A 224 22.88 -9.29 5.13
N PHE A 225 22.53 -8.83 6.32
CA PHE A 225 21.41 -7.89 6.55
C PHE A 225 21.58 -6.66 5.64
N LEU A 226 22.74 -6.00 5.70
CA LEU A 226 23.01 -4.75 4.95
C LEU A 226 22.96 -4.98 3.45
N GLN A 227 23.43 -6.14 2.97
CA GLN A 227 23.39 -6.49 1.53
C GLN A 227 21.92 -6.63 1.09
N GLU A 228 21.15 -7.42 1.82
CA GLU A 228 19.70 -7.62 1.55
C GLU A 228 18.97 -6.28 1.67
N ALA A 229 19.27 -5.51 2.73
CA ALA A 229 18.62 -4.20 3.01
C ALA A 229 18.81 -3.26 1.80
N GLN A 230 19.91 -3.38 1.04
CA GLN A 230 20.14 -2.55 -0.18
C GLN A 230 19.16 -2.96 -1.27
N VAL A 231 18.78 -4.23 -1.32
CA VAL A 231 17.77 -4.75 -2.30
C VAL A 231 16.40 -4.25 -1.84
N MET A 232 16.07 -4.50 -0.57
CA MET A 232 14.79 -4.11 0.06
C MET A 232 14.57 -2.60 -0.10
N LYS A 233 15.62 -1.80 0.10
CA LYS A 233 15.60 -0.32 -0.01
C LYS A 233 15.01 0.09 -1.37
N LYS A 234 15.29 -0.67 -2.43
CA LYS A 234 14.87 -0.35 -3.82
C LYS A 234 13.37 -0.63 -4.05
N LEU A 235 12.69 -1.29 -3.12
CA LEU A 235 11.26 -1.68 -3.28
C LEU A 235 10.38 -0.52 -2.82
N ARG A 236 9.60 0.03 -3.75
CA ARG A 236 8.76 1.22 -3.53
C ARG A 236 7.39 0.98 -4.17
N HIS A 237 6.34 0.82 -3.36
CA HIS A 237 4.97 0.61 -3.85
C HIS A 237 3.99 1.05 -2.77
N GLU A 238 2.82 1.57 -3.15
CA GLU A 238 1.76 2.01 -2.22
C GLU A 238 1.30 0.86 -1.31
N LYS A 239 1.44 -0.41 -1.74
CA LYS A 239 0.96 -1.57 -0.94
C LYS A 239 2.16 -2.35 -0.35
N LEU A 240 3.33 -1.74 -0.21
CA LEU A 240 4.48 -2.31 0.55
C LEU A 240 4.83 -1.36 1.69
N VAL A 241 5.12 -1.87 2.89
CA VAL A 241 5.61 -1.02 4.00
C VAL A 241 7.03 -0.54 3.64
N GLN A 242 7.25 0.77 3.60
CA GLN A 242 8.58 1.36 3.25
C GLN A 242 9.63 0.95 4.30
N LEU A 243 10.80 0.49 3.88
CA LEU A 243 11.98 0.37 4.78
C LEU A 243 12.68 1.74 4.79
N TYR A 244 12.71 2.42 5.94
CA TYR A 244 13.27 3.79 6.09
C TYR A 244 14.78 3.76 6.34
N ALA A 245 15.22 2.95 7.28
CA ALA A 245 16.60 3.03 7.83
C ALA A 245 16.90 1.79 8.63
N VAL A 246 18.18 1.62 8.95
CA VAL A 246 18.70 0.46 9.69
C VAL A 246 19.73 0.96 10.71
N VAL A 247 19.81 0.29 11.86
CA VAL A 247 21.00 0.31 12.75
C VAL A 247 21.70 -1.03 12.54
N SER A 248 22.82 -1.02 11.80
CA SER A 248 23.51 -2.23 11.26
C SER A 248 24.17 -3.03 12.38
N GLU A 249 24.55 -2.37 13.47
CA GLU A 249 25.30 -3.00 14.60
C GLU A 249 24.28 -3.70 15.52
N GLU A 250 24.62 -4.90 16.00
CA GLU A 250 23.71 -5.67 16.88
C GLU A 250 23.57 -4.92 18.19
N PRO A 251 22.37 -4.89 18.83
CA PRO A 251 21.14 -5.44 18.25
C PRO A 251 20.62 -4.62 17.06
N ILE A 252 20.32 -5.30 15.95
CA ILE A 252 19.90 -4.66 14.67
C ILE A 252 18.52 -4.02 14.90
N TYR A 253 18.37 -2.76 14.51
CA TYR A 253 17.07 -2.05 14.45
C TYR A 253 16.71 -1.87 12.98
N ILE A 254 15.47 -2.18 12.64
CA ILE A 254 14.90 -2.00 11.27
C ILE A 254 13.79 -0.97 11.40
N VAL A 255 13.94 0.16 10.70
CA VAL A 255 13.00 1.32 10.83
C VAL A 255 12.10 1.33 9.60
N THR A 256 10.79 1.23 9.82
CA THR A 256 9.76 1.14 8.75
C THR A 256 8.59 2.08 9.06
N GLU A 257 7.75 2.24 8.05
CA GLU A 257 6.47 2.99 8.15
C GLU A 257 5.65 2.37 9.27
N TYR A 258 5.24 3.21 10.21
CA TYR A 258 4.28 2.87 11.28
C TYR A 258 2.89 2.71 10.66
N MET A 259 2.27 1.56 10.87
CA MET A 259 0.90 1.25 10.40
C MET A 259 -0.02 1.20 11.62
N ASN A 260 -0.87 2.21 11.76
CA ASN A 260 -1.57 2.54 13.03
C ASN A 260 -2.68 1.52 13.35
N LYS A 261 -3.13 0.69 12.40
CA LYS A 261 -4.22 -0.27 12.71
C LYS A 261 -3.67 -1.68 12.96
N GLY A 262 -2.35 -1.86 12.88
CA GLY A 262 -1.65 -3.10 13.28
C GLY A 262 -1.75 -4.19 12.22
N SER A 263 -1.50 -5.45 12.60
CA SER A 263 -1.46 -6.60 11.67
C SER A 263 -2.88 -6.92 11.22
N LEU A 264 -3.01 -7.45 10.00
CA LEU A 264 -4.29 -7.92 9.45
C LEU A 264 -4.84 -9.04 10.36
N LEU A 265 -3.98 -9.91 10.85
CA LEU A 265 -4.38 -11.06 11.70
C LEU A 265 -5.15 -10.54 12.92
N ASP A 266 -4.59 -9.58 13.66
CA ASP A 266 -5.24 -8.98 14.86
C ASP A 266 -6.48 -8.19 14.45
N PHE A 267 -6.40 -7.46 13.34
CA PHE A 267 -7.51 -6.65 12.78
C PHE A 267 -8.73 -7.56 12.60
N LEU A 268 -8.55 -8.71 11.94
CA LEU A 268 -9.64 -9.67 11.61
C LEU A 268 -10.30 -10.21 12.88
N LYS A 269 -9.49 -10.47 13.91
CA LYS A 269 -9.91 -10.87 15.28
C LYS A 269 -9.93 -9.61 16.15
N GLY A 270 -10.76 -8.64 15.79
CA GLY A 270 -10.90 -7.33 16.46
C GLY A 270 -12.33 -6.83 16.33
N GLU A 271 -12.58 -5.55 16.57
CA GLU A 271 -13.97 -5.00 16.63
C GLU A 271 -14.46 -4.66 15.22
N THR A 272 -13.71 -3.84 14.48
CA THR A 272 -14.04 -3.49 13.06
C THR A 272 -13.92 -4.76 12.22
N GLY A 273 -12.85 -5.53 12.45
CA GLY A 273 -12.43 -6.64 11.58
C GLY A 273 -13.44 -7.76 11.52
N LYS A 274 -14.01 -8.14 12.67
CA LYS A 274 -14.74 -9.42 12.82
C LYS A 274 -16.15 -9.33 12.19
N TYR A 275 -16.56 -8.14 11.74
CA TYR A 275 -17.89 -7.88 11.14
C TYR A 275 -17.75 -7.45 9.66
N LEU A 276 -16.52 -7.40 9.15
CA LEU A 276 -16.24 -7.06 7.72
C LEU A 276 -17.07 -7.98 6.82
N ARG A 277 -17.58 -7.42 5.73
CA ARG A 277 -18.37 -8.17 4.72
C ARG A 277 -17.41 -8.66 3.63
N LEU A 278 -17.86 -9.64 2.84
CA LEU A 278 -17.04 -10.27 1.77
C LEU A 278 -16.41 -9.22 0.86
N PRO A 279 -17.16 -8.20 0.37
CA PRO A 279 -16.60 -7.24 -0.59
C PRO A 279 -15.39 -6.50 0.01
N GLN A 280 -15.43 -6.22 1.32
CA GLN A 280 -14.31 -5.57 2.04
C GLN A 280 -13.12 -6.54 2.11
N LEU A 281 -13.39 -7.82 2.38
CA LEU A 281 -12.34 -8.85 2.47
C LEU A 281 -11.70 -9.07 1.10
N VAL A 282 -12.50 -9.06 0.03
CA VAL A 282 -11.97 -9.22 -1.35
C VAL A 282 -11.10 -8.00 -1.69
N ASP A 283 -11.53 -6.80 -1.31
CA ASP A 283 -10.75 -5.56 -1.56
C ASP A 283 -9.38 -5.66 -0.85
N MET A 284 -9.35 -6.14 0.38
CA MET A 284 -8.08 -6.34 1.13
C MET A 284 -7.22 -7.39 0.42
N SER A 285 -7.82 -8.49 -0.04
CA SER A 285 -7.12 -9.56 -0.80
CA SER A 285 -7.10 -9.55 -0.79
C SER A 285 -6.46 -8.95 -2.05
N ALA A 286 -7.20 -8.09 -2.76
CA ALA A 286 -6.78 -7.46 -4.04
C ALA A 286 -5.62 -6.50 -3.80
N GLN A 287 -5.66 -5.76 -2.68
CA GLN A 287 -4.55 -4.87 -2.26
C GLN A 287 -3.29 -5.71 -2.01
N ILE A 288 -3.42 -6.84 -1.29
CA ILE A 288 -2.24 -7.68 -0.95
C ILE A 288 -1.69 -8.25 -2.26
N ALA A 289 -2.57 -8.70 -3.15
CA ALA A 289 -2.18 -9.26 -4.46
C ALA A 289 -1.44 -8.18 -5.27
N SER A 290 -1.84 -6.91 -5.19
CA SER A 290 -1.18 -5.82 -5.95
CA SER A 290 -1.18 -5.84 -5.98
C SER A 290 0.24 -5.60 -5.43
N GLY A 291 0.40 -5.60 -4.11
CA GLY A 291 1.74 -5.50 -3.52
C GLY A 291 2.61 -6.65 -3.97
N MET A 292 2.06 -7.88 -3.97
CA MET A 292 2.85 -9.07 -4.33
C MET A 292 3.10 -9.09 -5.84
N ALA A 293 2.19 -8.53 -6.65
CA ALA A 293 2.41 -8.40 -8.11
C ALA A 293 3.59 -7.44 -8.36
N TYR A 294 3.76 -6.41 -7.52
CA TYR A 294 4.93 -5.51 -7.59
C TYR A 294 6.19 -6.31 -7.22
N VAL A 295 6.17 -7.05 -6.12
CA VAL A 295 7.28 -7.95 -5.69
C VAL A 295 7.67 -8.86 -6.87
N GLU A 296 6.66 -9.39 -7.58
CA GLU A 296 6.78 -10.32 -8.73
C GLU A 296 7.47 -9.60 -9.89
N ARG A 297 6.98 -8.41 -10.25
CA ARG A 297 7.55 -7.53 -11.32
C ARG A 297 9.02 -7.21 -10.99
N MET A 298 9.37 -7.06 -9.71
CA MET A 298 10.74 -6.67 -9.27
C MET A 298 11.62 -7.92 -9.12
N ASN A 299 11.12 -9.11 -9.46
CA ASN A 299 11.88 -10.37 -9.39
C ASN A 299 12.37 -10.58 -7.95
N TYR A 300 11.54 -10.24 -6.97
CA TYR A 300 11.85 -10.42 -5.53
C TYR A 300 11.00 -11.56 -4.99
N VAL A 301 11.24 -11.98 -3.74
CA VAL A 301 10.53 -13.08 -3.05
C VAL A 301 10.31 -12.66 -1.60
N HIS A 302 9.08 -12.81 -1.11
CA HIS A 302 8.69 -12.42 0.26
C HIS A 302 9.24 -13.44 1.27
N ARG A 303 8.87 -14.72 1.14
CA ARG A 303 9.40 -15.85 1.95
CA ARG A 303 9.39 -15.87 1.95
C ARG A 303 8.66 -16.01 3.28
N ASP A 304 7.78 -15.07 3.64
CA ASP A 304 7.03 -15.17 4.92
C ASP A 304 5.68 -14.47 4.80
N LEU A 305 4.96 -14.74 3.72
CA LEU A 305 3.63 -14.12 3.48
C LEU A 305 2.57 -14.85 4.32
N ARG A 306 1.89 -14.09 5.18
CA ARG A 306 0.81 -14.56 6.07
C ARG A 306 0.14 -13.30 6.65
N ALA A 307 -1.08 -13.43 7.16
CA ALA A 307 -1.88 -12.30 7.66
C ALA A 307 -1.08 -11.51 8.71
N ALA A 308 -0.21 -12.16 9.48
CA ALA A 308 0.63 -11.49 10.50
C ALA A 308 1.56 -10.45 9.85
N ASN A 309 1.88 -10.62 8.56
CA ASN A 309 2.85 -9.76 7.84
C ASN A 309 2.13 -8.88 6.80
N ILE A 310 0.83 -8.70 6.97
CA ILE A 310 0.06 -7.61 6.32
C ILE A 310 -0.28 -6.60 7.42
N LEU A 311 -0.03 -5.33 7.18
CA LEU A 311 -0.33 -4.27 8.17
C LEU A 311 -1.44 -3.40 7.59
N VAL A 312 -2.31 -2.88 8.46
CA VAL A 312 -3.54 -2.17 8.06
C VAL A 312 -3.40 -0.70 8.41
N GLY A 313 -3.88 0.17 7.53
CA GLY A 313 -3.95 1.63 7.74
C GLY A 313 -5.39 2.09 7.75
N GLU A 314 -5.61 3.39 7.55
CA GLU A 314 -6.97 3.98 7.48
C GLU A 314 -7.64 3.48 6.20
N ASN A 315 -8.97 3.38 6.19
CA ASN A 315 -9.78 3.08 5.00
C ASN A 315 -9.49 1.66 4.50
N LEU A 316 -9.11 0.74 5.40
CA LEU A 316 -8.84 -0.70 5.12
C LEU A 316 -7.69 -0.82 4.12
N VAL A 317 -6.77 0.16 4.12
CA VAL A 317 -5.49 0.04 3.37
C VAL A 317 -4.71 -1.13 3.97
N CYS A 318 -4.24 -2.03 3.11
CA CYS A 318 -3.43 -3.21 3.49
C CYS A 318 -2.08 -3.10 2.80
N LYS A 319 -0.99 -3.25 3.56
CA LYS A 319 0.38 -3.22 3.00
C LYS A 319 1.13 -4.49 3.40
N VAL A 320 1.95 -4.98 2.49
CA VAL A 320 2.86 -6.13 2.72
C VAL A 320 4.07 -5.66 3.53
N ALA A 321 4.35 -6.34 4.64
CA ALA A 321 5.48 -6.07 5.54
C ALA A 321 6.40 -7.30 5.63
N ASP A 322 7.64 -7.07 6.09
CA ASP A 322 8.60 -8.12 6.54
C ASP A 322 9.00 -9.02 5.38
N PHE A 323 9.06 -8.47 4.17
CA PHE A 323 9.52 -9.21 2.95
C PHE A 323 11.04 -9.37 3.04
N GLY A 324 11.55 -10.52 2.58
CA GLY A 324 13.00 -10.73 2.38
C GLY A 324 13.74 -11.18 3.63
N LEU A 325 13.36 -10.68 4.82
CA LEU A 325 14.05 -10.89 6.11
C LEU A 325 14.22 -12.38 6.45
N ALA A 326 13.21 -13.20 6.18
CA ALA A 326 13.15 -14.63 6.62
C ALA A 326 14.38 -15.38 6.09
N ARG A 327 14.85 -15.06 4.88
CA ARG A 327 16.07 -15.69 4.29
C ARG A 327 17.29 -15.53 5.24
N LEU A 328 17.38 -14.42 5.99
CA LEU A 328 18.60 -14.05 6.75
C LEU A 328 18.63 -14.66 8.15
N ILE A 329 17.54 -15.30 8.59
CA ILE A 329 17.47 -15.98 9.92
C ILE A 329 18.57 -17.06 9.95
N GLU A 330 19.38 -17.07 11.01
CA GLU A 330 20.57 -17.95 11.14
C GLU A 330 20.18 -19.24 11.87
N ASP A 331 19.16 -19.18 12.72
CA ASP A 331 18.63 -20.35 13.48
C ASP A 331 18.68 -21.59 12.58
N ASN A 332 19.27 -22.68 13.06
CA ASN A 332 19.49 -23.94 12.29
C ASN A 332 18.15 -24.63 12.02
N GLU A 333 17.28 -24.72 13.02
CA GLU A 333 15.89 -25.25 12.88
C GLU A 333 15.17 -24.46 11.78
N TYR A 334 15.02 -23.14 11.95
CA TYR A 334 14.31 -22.26 11.00
C TYR A 334 14.88 -22.44 9.59
N THR A 335 16.21 -22.44 9.47
CA THR A 335 16.94 -22.59 8.18
C THR A 335 16.55 -23.92 7.52
N ALA A 336 16.31 -24.95 8.33
CA ALA A 336 15.91 -26.32 7.90
C ALA A 336 14.39 -26.40 7.73
N ARG A 337 13.68 -25.26 7.81
CA ARG A 337 12.19 -25.16 7.72
C ARG A 337 11.57 -26.07 8.80
N GLN A 338 12.15 -26.03 10.01
CA GLN A 338 11.80 -26.88 11.18
C GLN A 338 11.59 -26.03 12.44
N GLY A 339 10.84 -26.52 13.42
CA GLY A 339 10.81 -25.98 14.79
C GLY A 339 9.63 -25.05 15.01
N ALA A 340 9.46 -24.59 16.25
CA ALA A 340 8.26 -23.85 16.75
C ALA A 340 8.13 -22.48 16.08
N LYS A 341 9.19 -21.98 15.44
CA LYS A 341 9.28 -20.59 14.92
C LYS A 341 9.08 -20.56 13.40
N PHE A 342 9.00 -21.71 12.75
CA PHE A 342 8.85 -21.78 11.28
C PHE A 342 7.37 -21.88 10.88
N PRO A 343 6.88 -21.00 9.98
CA PRO A 343 5.48 -21.00 9.56
C PRO A 343 5.16 -22.07 8.50
N ILE A 344 5.27 -23.33 8.90
CA ILE A 344 5.09 -24.49 7.98
C ILE A 344 3.69 -24.44 7.35
N LYS A 345 2.68 -23.94 8.09
CA LYS A 345 1.28 -23.94 7.60
C LYS A 345 1.13 -22.98 6.41
N TRP A 346 2.07 -22.06 6.20
CA TRP A 346 2.00 -21.09 5.08
C TRP A 346 3.00 -21.47 3.96
N THR A 347 3.79 -22.52 4.15
CA THR A 347 4.98 -22.79 3.32
C THR A 347 4.65 -23.81 2.25
N ALA A 348 4.93 -23.50 0.97
CA ALA A 348 4.77 -24.43 -0.17
C ALA A 348 5.60 -25.67 0.11
N PRO A 349 5.14 -26.88 -0.27
CA PRO A 349 5.90 -28.11 -0.03
C PRO A 349 7.34 -28.09 -0.57
N GLU A 350 7.56 -27.54 -1.76
CA GLU A 350 8.90 -27.53 -2.40
C GLU A 350 9.82 -26.57 -1.63
N ALA A 351 9.27 -25.52 -0.99
CA ALA A 351 10.05 -24.61 -0.13
C ALA A 351 10.43 -25.33 1.18
N ALA A 352 9.48 -26.02 1.79
CA ALA A 352 9.66 -26.79 3.05
C ALA A 352 10.62 -27.95 2.83
N LEU A 353 10.42 -28.74 1.76
CA LEU A 353 11.22 -29.98 1.49
C LEU A 353 12.64 -29.62 1.02
N TYR A 354 12.78 -28.70 0.07
CA TYR A 354 14.06 -28.47 -0.66
C TYR A 354 14.61 -27.06 -0.47
N GLY A 355 13.92 -26.17 0.26
CA GLY A 355 14.35 -24.76 0.39
C GLY A 355 14.22 -23.98 -0.91
N ARG A 356 13.34 -24.40 -1.81
CA ARG A 356 13.06 -23.66 -3.07
C ARG A 356 12.02 -22.57 -2.80
N PHE A 357 12.46 -21.42 -2.30
CA PHE A 357 11.60 -20.24 -2.07
C PHE A 357 11.59 -19.41 -3.36
N THR A 358 10.41 -19.27 -3.97
CA THR A 358 10.25 -18.48 -5.21
C THR A 358 8.99 -17.63 -5.08
N ILE A 359 8.74 -16.79 -6.06
CA ILE A 359 7.45 -16.05 -6.11
C ILE A 359 6.30 -17.07 -6.14
N LYS A 360 6.50 -18.27 -6.72
CA LYS A 360 5.45 -19.32 -6.78
C LYS A 360 5.21 -19.92 -5.38
N SER A 361 6.20 -20.00 -4.52
CA SER A 361 5.95 -20.46 -3.12
C SER A 361 5.26 -19.32 -2.37
N ASP A 362 5.50 -18.06 -2.72
CA ASP A 362 4.71 -16.93 -2.14
C ASP A 362 3.25 -17.03 -2.60
N VAL A 363 2.98 -17.48 -3.82
CA VAL A 363 1.59 -17.68 -4.31
C VAL A 363 0.87 -18.73 -3.43
N TRP A 364 1.56 -19.83 -3.12
CA TRP A 364 1.02 -20.84 -2.17
C TRP A 364 0.62 -20.15 -0.87
N SER A 365 1.52 -19.37 -0.27
CA SER A 365 1.33 -18.62 1.01
C SER A 365 0.10 -17.71 0.92
N PHE A 366 -0.07 -17.03 -0.21
CA PHE A 366 -1.24 -16.17 -0.51
C PHE A 366 -2.55 -16.96 -0.42
N GLY A 367 -2.61 -18.17 -0.98
CA GLY A 367 -3.80 -19.04 -0.85
C GLY A 367 -4.13 -19.32 0.61
N ILE A 368 -3.13 -19.67 1.40
CA ILE A 368 -3.31 -19.88 2.86
C ILE A 368 -3.81 -18.57 3.49
N LEU A 369 -3.21 -17.43 3.11
CA LEU A 369 -3.61 -16.09 3.61
C LEU A 369 -5.09 -15.85 3.28
N LEU A 370 -5.56 -16.28 2.10
CA LEU A 370 -7.00 -16.16 1.75
C LEU A 370 -7.90 -16.93 2.74
N THR A 371 -7.47 -18.08 3.28
CA THR A 371 -8.24 -18.81 4.33
C THR A 371 -8.32 -17.95 5.59
N GLU A 372 -7.23 -17.27 5.96
CA GLU A 372 -7.20 -16.40 7.16
C GLU A 372 -8.24 -15.27 6.96
N LEU A 373 -8.23 -14.64 5.78
CA LEU A 373 -9.16 -13.54 5.41
C LEU A 373 -10.62 -13.98 5.45
N THR A 374 -10.92 -15.22 5.10
CA THR A 374 -12.33 -15.69 4.97
C THR A 374 -12.79 -16.44 6.22
N THR A 375 -11.97 -16.55 7.25
CA THR A 375 -12.29 -17.24 8.53
C THR A 375 -12.02 -16.34 9.73
N LYS A 376 -11.96 -15.01 9.53
CA LYS A 376 -11.66 -14.03 10.60
C LYS A 376 -10.39 -14.43 11.32
N GLY A 377 -9.37 -14.86 10.58
CA GLY A 377 -8.00 -15.04 11.10
C GLY A 377 -7.79 -16.38 11.77
N ARG A 378 -8.69 -17.35 11.57
CA ARG A 378 -8.53 -18.73 12.09
C ARG A 378 -7.19 -19.28 11.59
N VAL A 379 -6.44 -19.96 12.47
CA VAL A 379 -5.18 -20.68 12.15
C VAL A 379 -5.47 -21.69 11.03
N PRO A 380 -4.66 -21.74 9.95
CA PRO A 380 -4.85 -22.77 8.91
C PRO A 380 -4.77 -24.18 9.49
N TYR A 381 -5.32 -25.19 8.79
CA TYR A 381 -5.22 -26.62 9.16
C TYR A 381 -5.56 -26.77 10.63
N PRO A 382 -6.75 -26.27 11.05
CA PRO A 382 -7.06 -26.05 12.46
C PRO A 382 -6.78 -27.27 13.36
N GLY A 383 -7.19 -28.46 12.91
CA GLY A 383 -7.09 -29.70 13.70
C GLY A 383 -5.73 -30.37 13.64
N MET A 384 -4.73 -29.74 13.01
CA MET A 384 -3.38 -30.34 12.78
C MET A 384 -2.32 -29.54 13.54
N VAL A 385 -1.33 -30.23 14.10
CA VAL A 385 -0.13 -29.60 14.71
C VAL A 385 0.93 -29.44 13.60
N ASN A 386 1.84 -28.48 13.78
CA ASN A 386 2.84 -28.08 12.77
C ASN A 386 3.60 -29.33 12.30
N ARG A 387 3.95 -30.24 13.23
CA ARG A 387 4.80 -31.41 12.93
C ARG A 387 4.12 -32.37 11.94
N GLU A 388 2.80 -32.29 11.74
CA GLU A 388 2.09 -33.24 10.84
C GLU A 388 1.64 -32.57 9.53
N VAL A 389 1.86 -31.26 9.33
CA VAL A 389 1.29 -30.49 8.17
C VAL A 389 1.97 -30.92 6.87
N LEU A 390 3.30 -30.92 6.82
CA LEU A 390 4.03 -31.14 5.55
C LEU A 390 3.66 -32.52 5.01
N ASP A 391 3.61 -33.54 5.88
CA ASP A 391 3.25 -34.94 5.51
C ASP A 391 1.89 -34.94 4.81
N GLN A 392 0.89 -34.27 5.39
CA GLN A 392 -0.49 -34.23 4.84
C GLN A 392 -0.50 -33.54 3.48
N VAL A 393 0.15 -32.37 3.38
CA VAL A 393 0.06 -31.56 2.14
CA VAL A 393 0.13 -31.53 2.16
C VAL A 393 0.84 -32.28 1.04
N GLU A 394 1.97 -32.91 1.35
CA GLU A 394 2.74 -33.66 0.33
C GLU A 394 1.90 -34.85 -0.17
N ARG A 395 1.05 -35.43 0.69
CA ARG A 395 0.16 -36.56 0.29
C ARG A 395 -1.03 -36.03 -0.53
N GLY A 396 -1.21 -34.70 -0.56
CA GLY A 396 -2.21 -34.03 -1.43
C GLY A 396 -3.39 -33.50 -0.65
N TYR A 397 -3.34 -33.52 0.69
CA TYR A 397 -4.39 -32.89 1.52
C TYR A 397 -4.43 -31.40 1.20
N ARG A 398 -5.63 -30.83 1.10
CA ARG A 398 -5.86 -29.37 0.94
C ARG A 398 -7.00 -28.97 1.85
N MET A 399 -6.94 -27.78 2.45
CA MET A 399 -8.04 -27.29 3.32
C MET A 399 -9.30 -27.22 2.48
N PRO A 400 -10.47 -27.58 3.05
CA PRO A 400 -11.74 -27.47 2.33
C PRO A 400 -12.16 -26.00 2.33
N CYS A 401 -13.19 -25.69 1.55
CA CYS A 401 -13.83 -24.36 1.50
C CYS A 401 -14.33 -23.97 2.89
N PRO A 402 -13.82 -22.85 3.47
CA PRO A 402 -14.35 -22.33 4.72
C PRO A 402 -15.84 -22.06 4.64
N PRO A 403 -16.57 -22.11 5.79
CA PRO A 403 -18.04 -22.15 5.75
C PRO A 403 -18.64 -20.90 5.09
N GLU A 404 -18.03 -19.72 5.26
CA GLU A 404 -18.58 -18.45 4.71
C GLU A 404 -17.75 -17.99 3.50
N CYS A 405 -16.98 -18.90 2.91
CA CYS A 405 -16.15 -18.60 1.72
C CYS A 405 -16.91 -19.08 0.48
N PRO A 406 -17.10 -18.21 -0.54
CA PRO A 406 -17.70 -18.65 -1.80
C PRO A 406 -16.77 -19.65 -2.51
N GLU A 407 -17.38 -20.62 -3.21
CA GLU A 407 -16.65 -21.69 -3.93
C GLU A 407 -15.61 -21.06 -4.87
N SER A 408 -15.96 -19.97 -5.55
CA SER A 408 -15.05 -19.33 -6.55
C SER A 408 -13.73 -18.92 -5.87
N LEU A 409 -13.77 -18.39 -4.65
CA LEU A 409 -12.54 -18.00 -3.89
C LEU A 409 -11.81 -19.27 -3.43
N HIS A 410 -12.54 -20.32 -3.06
CA HIS A 410 -11.91 -21.61 -2.72
C HIS A 410 -11.21 -22.18 -3.97
N ASP A 411 -11.83 -22.08 -5.13
CA ASP A 411 -11.19 -22.57 -6.39
C ASP A 411 -9.88 -21.82 -6.62
N LEU A 412 -9.84 -20.52 -6.32
CA LEU A 412 -8.63 -19.68 -6.45
C LEU A 412 -7.57 -20.19 -5.48
N MET A 413 -7.95 -20.48 -4.23
CA MET A 413 -7.00 -21.04 -3.22
C MET A 413 -6.38 -22.33 -3.76
N CYS A 414 -7.20 -23.24 -4.29
CA CYS A 414 -6.75 -24.55 -4.82
C CYS A 414 -5.76 -24.37 -5.98
N GLN A 415 -5.94 -23.36 -6.82
CA GLN A 415 -4.96 -23.00 -7.88
C GLN A 415 -3.64 -22.57 -7.24
N CYS A 416 -3.69 -21.76 -6.17
CA CYS A 416 -2.51 -21.31 -5.41
C CYS A 416 -1.79 -22.53 -4.82
N TRP A 417 -2.53 -23.60 -4.53
CA TRP A 417 -1.97 -24.81 -3.87
C TRP A 417 -1.71 -25.94 -4.88
N ARG A 418 -1.52 -25.65 -6.17
CA ARG A 418 -1.09 -26.67 -7.16
C ARG A 418 0.22 -27.28 -6.67
N LYS A 419 0.36 -28.60 -6.76
CA LYS A 419 1.62 -29.33 -6.46
C LYS A 419 2.76 -28.68 -7.25
N GLU A 420 2.57 -28.50 -8.56
CA GLU A 420 3.60 -27.91 -9.48
C GLU A 420 3.60 -26.39 -9.32
N PRO A 421 4.70 -25.79 -8.83
CA PRO A 421 4.76 -24.33 -8.65
C PRO A 421 4.45 -23.57 -9.95
N GLU A 422 4.92 -24.07 -11.10
CA GLU A 422 4.71 -23.38 -12.40
C GLU A 422 3.23 -23.41 -12.80
N GLU A 423 2.41 -24.26 -12.18
CA GLU A 423 0.96 -24.35 -12.54
C GLU A 423 0.18 -23.32 -11.71
N ARG A 424 0.77 -22.76 -10.66
CA ARG A 424 0.10 -21.78 -9.77
C ARG A 424 -0.05 -20.48 -10.55
N PRO A 425 -1.12 -19.68 -10.32
CA PRO A 425 -1.31 -18.43 -11.03
C PRO A 425 -0.22 -17.43 -10.63
N THR A 426 -0.01 -16.42 -11.47
CA THR A 426 0.83 -15.24 -11.13
C THR A 426 0.05 -14.34 -10.17
N PHE A 427 0.77 -13.49 -9.44
CA PHE A 427 0.17 -12.40 -8.64
C PHE A 427 -0.50 -11.41 -9.59
N GLU A 428 0.06 -11.22 -10.78
CA GLU A 428 -0.58 -10.39 -11.83
C GLU A 428 -2.00 -10.91 -12.06
N TYR A 429 -2.17 -12.22 -12.28
CA TYR A 429 -3.52 -12.80 -12.47
C TYR A 429 -4.35 -12.69 -11.19
N LEU A 430 -3.78 -13.02 -10.04
CA LEU A 430 -4.52 -12.98 -8.74
C LEU A 430 -5.09 -11.57 -8.51
N GLN A 431 -4.30 -10.53 -8.78
CA GLN A 431 -4.74 -9.13 -8.61
C GLN A 431 -5.88 -8.84 -9.59
N ALA A 432 -5.78 -9.28 -10.85
CA ALA A 432 -6.79 -8.99 -11.90
C ALA A 432 -8.09 -9.71 -11.52
N PHE A 433 -7.97 -10.95 -11.04
CA PHE A 433 -9.12 -11.78 -10.63
C PHE A 433 -9.88 -11.10 -9.47
N LEU A 434 -9.14 -10.74 -8.42
CA LEU A 434 -9.76 -10.22 -7.17
C LEU A 434 -10.30 -8.80 -7.41
N GLU A 435 -9.64 -7.99 -8.24
CA GLU A 435 -10.11 -6.61 -8.56
C GLU A 435 -11.42 -6.66 -9.35
N ASP A 436 -11.62 -7.70 -10.17
CA ASP A 436 -12.83 -7.84 -11.02
CA ASP A 436 -12.84 -7.83 -11.01
C ASP A 436 -13.71 -8.98 -10.49
N TYR A 437 -13.60 -9.30 -9.20
CA TYR A 437 -14.29 -10.47 -8.60
C TYR A 437 -15.82 -10.37 -8.79
N PHE A 438 -16.38 -9.22 -8.43
CA PHE A 438 -17.82 -8.87 -8.57
C PHE A 438 -18.01 -8.19 -9.95
N THR A 439 -18.94 -8.69 -10.76
CA THR A 439 -19.31 -8.09 -12.06
C THR A 439 -20.46 -7.10 -11.84
N SER A 440 -20.50 -6.03 -12.64
CA SER A 440 -21.67 -5.13 -12.74
C SER A 440 -21.92 -4.82 -14.22
N THR A 441 -23.20 -4.69 -14.60
CA THR A 441 -23.65 -4.23 -15.94
C THR A 441 -23.71 -2.69 -15.93
N GLU A 442 -23.56 -2.08 -14.74
CA GLU A 442 -23.49 -0.60 -14.54
C GLU A 442 -22.52 0.02 -15.53
N PRO A 443 -22.83 1.22 -16.07
CA PRO A 443 -21.85 1.98 -16.84
C PRO A 443 -20.57 2.15 -16.02
N GLN A 444 -19.41 1.81 -16.58
CA GLN A 444 -18.08 2.03 -15.95
C GLN A 444 -17.97 3.51 -15.57
N PTR A 445 -17.99 4.41 -16.56
CA PTR A 445 -18.14 5.88 -16.40
C PTR A 445 -19.59 6.29 -16.64
O PTR A 445 -20.33 5.50 -17.27
CB PTR A 445 -17.25 6.61 -17.39
CG PTR A 445 -15.79 6.51 -17.08
CD1 PTR A 445 -15.01 5.51 -17.64
CD2 PTR A 445 -15.19 7.41 -16.22
CE1 PTR A 445 -13.66 5.40 -17.36
CE2 PTR A 445 -13.84 7.33 -15.93
CZ PTR A 445 -13.10 6.32 -16.50
OH PTR A 445 -11.73 6.27 -16.23
P PTR A 445 -11.04 5.18 -15.34
O1P PTR A 445 -11.91 5.05 -14.11
O2P PTR A 445 -10.97 3.89 -16.09
O3P PTR A 445 -9.67 5.69 -15.00
N GLN A 446 -19.96 7.49 -16.20
CA GLN A 446 -21.24 8.15 -16.61
C GLN A 446 -21.05 8.62 -18.05
N PRO A 447 -21.89 8.17 -19.02
CA PRO A 447 -21.81 8.67 -20.39
C PRO A 447 -21.87 10.21 -20.50
N GLY A 448 -20.91 10.80 -21.19
CA GLY A 448 -20.75 12.27 -21.37
C GLY A 448 -21.84 12.87 -22.24
N GLU A 449 -22.31 12.11 -23.24
CA GLU A 449 -23.43 12.48 -24.15
C GLU A 449 -24.78 12.45 -23.39
N ASN A 450 -24.73 12.34 -22.06
CA ASN A 450 -25.90 12.42 -21.14
C ASN A 450 -26.86 11.26 -21.44
PB ADP B . 5.07 -11.62 13.41
O1B ADP B . 5.51 -13.03 13.66
O2B ADP B . 5.27 -11.18 11.99
O3B ADP B . 3.69 -11.34 13.93
PA ADP B . 6.77 -9.27 14.05
O1A ADP B . 7.89 -9.17 15.05
O2A ADP B . 7.10 -9.10 12.60
O3A ADP B . 6.08 -10.70 14.28
O5' ADP B . 5.62 -8.25 14.45
C5' ADP B . 4.98 -8.26 15.76
C4' ADP B . 3.84 -7.28 15.81
O4' ADP B . 4.33 -5.91 15.73
C3' ADP B . 2.78 -7.34 14.69
O3' ADP B . 1.73 -8.27 14.96
C2' ADP B . 2.15 -5.96 14.79
O2' ADP B . 1.23 -5.90 15.84
C1' ADP B . 3.37 -5.09 15.09
N9 ADP B . 3.97 -4.47 13.92
C8 ADP B . 4.96 -4.99 13.11
N7 ADP B . 5.34 -4.16 12.16
C5 ADP B . 4.58 -3.02 12.36
C6 ADP B . 4.52 -1.78 11.70
N6 ADP B . 5.27 -1.45 10.65
N1 ADP B . 3.65 -0.85 12.17
C2 ADP B . 2.89 -1.18 13.22
N3 ADP B . 2.85 -2.30 13.92
C4 ADP B . 3.73 -3.20 13.44
MG MG C . 6.05 -9.67 10.99
C1 GOL D . -1.77 17.57 -3.29
O1 GOL D . -2.25 17.63 -1.95
C2 GOL D . -2.90 17.73 -4.29
O2 GOL D . -2.34 17.99 -5.58
C3 GOL D . -3.80 16.52 -4.36
O3 GOL D . -4.11 15.98 -3.08
C1 EDO E . -1.58 4.45 7.97
O1 EDO E . -2.77 4.77 8.69
C2 EDO E . -0.32 4.72 8.70
O2 EDO E . -0.41 4.49 10.10
#